data_2ZE9
#
_entry.id   2ZE9
#
_cell.length_a   60.868
_cell.length_b   78.232
_cell.length_c   98.603
_cell.angle_alpha   90.00
_cell.angle_beta   90.00
_cell.angle_gamma   90.00
#
_symmetry.space_group_name_H-M   'P 21 21 21'
#
loop_
_entity.id
_entity.type
_entity.pdbx_description
1 polymer 'Phospholipase D'
2 non-polymer '2-(N-MORPHOLINO)-ETHANESULFONIC ACID'
3 non-polymer '(2R)-3-(phosphonooxy)propane-1,2-diyl diheptanoate'
4 water water
#
_entity_poly.entity_id   1
_entity_poly.type   'polypeptide(L)'
_entity_poly.pdbx_seq_one_letter_code
;ADTPPTPHLDAIERSLRDTSPGLEGSVWQRTDGNRLDAPDGDPAGWLLQTPGCWGDAGCKDRAGTRRLLDKMTRNIADAR
HTVDISSLAPFPNGGFEDAVVDGLKASVAAGHSPRVRILVGAAPIYHLNVVPSRYRDELIGKLGAAAGKVTLNVASMTTS
KTSLSWNASKLLVVDGKTAITGGINGWKDDYLDTAHPVSDVDMALSGPAARSAGKYLDTLWDWTCRNASDPAKVWLATSN
GASCMPSMEQDEAGSAPAEPTGDVPVIAVGGLGVGIKESDPSSGYHPDLPTAPDTKCTVGLHDNTNADRDYDTVNPEENA
LRSLIASARSHVEISQQDLNATCPPLPRYDIRTYDTLAGKLAAGVKVRIVVSDPANRGAVGSGGYSQIKSLDEISDTLRT
RLVALTGDNEKASRALCGNLQLASFRSSDAAKWADGKPYALHHKLVSVDDSAFYIGSKNLYPAWLQDFGYIVESPAAAQQ
LKTELLDPEWKYSQQAAATPAGCPARQAG
;
_entity_poly.pdbx_strand_id   A
#
# COMPACT_ATOMS: atom_id res chain seq x y z
N ALA A 1 -16.87 -7.68 25.56
CA ALA A 1 -15.69 -7.84 26.46
C ALA A 1 -15.41 -9.34 26.69
N ASP A 2 -15.65 -10.11 25.62
CA ASP A 2 -15.08 -11.43 25.48
C ASP A 2 -13.82 -11.37 24.57
N THR A 3 -13.56 -10.21 23.96
CA THR A 3 -12.53 -10.13 22.89
C THR A 3 -11.08 -10.42 23.29
N PRO A 4 -10.33 -11.14 22.41
CA PRO A 4 -8.90 -11.46 22.60
C PRO A 4 -8.00 -10.25 22.49
N PRO A 5 -6.91 -10.23 23.27
CA PRO A 5 -6.06 -9.06 23.27
C PRO A 5 -5.39 -8.84 21.93
N THR A 6 -4.98 -7.60 21.73
CA THR A 6 -4.32 -7.25 20.53
C THR A 6 -2.96 -6.63 20.86
N PRO A 7 -2.00 -7.47 21.32
CA PRO A 7 -0.63 -7.02 21.68
C PRO A 7 0.04 -6.17 20.58
N HIS A 8 -0.13 -6.59 19.32
CA HIS A 8 0.52 -5.92 18.18
C HIS A 8 -0.18 -4.60 17.84
N LEU A 9 -1.50 -4.67 17.64
CA LEU A 9 -2.30 -3.44 17.47
C LEU A 9 -2.10 -2.41 18.58
N ASP A 10 -2.04 -2.84 19.85
CA ASP A 10 -1.75 -1.94 21.00
C ASP A 10 -0.44 -1.17 20.91
N ALA A 11 0.57 -1.86 20.41
CA ALA A 11 1.91 -1.28 20.27
C ALA A 11 2.00 -0.29 19.10
N ILE A 12 1.33 -0.61 17.99
CA ILE A 12 1.20 0.31 16.85
C ILE A 12 0.38 1.56 17.22
N GLU A 13 -0.71 1.37 17.95
CA GLU A 13 -1.56 2.49 18.36
C GLU A 13 -0.85 3.53 19.24
N ARG A 14 -0.05 3.03 20.21
CA ARG A 14 0.84 3.86 21.01
C ARG A 14 1.72 4.78 20.18
N SER A 15 2.44 4.15 19.26
CA SER A 15 3.35 4.82 18.33
C SER A 15 2.64 5.94 17.53
N LEU A 16 1.56 5.57 16.83
CA LEU A 16 0.75 6.55 16.11
C LEU A 16 0.25 7.69 17.00
N ARG A 17 -0.28 7.40 18.18
CA ARG A 17 -0.69 8.48 19.05
C ARG A 17 0.45 9.34 19.61
N ASP A 18 1.66 8.79 19.72
CA ASP A 18 2.81 9.60 20.14
C ASP A 18 3.29 10.53 19.00
N THR A 19 3.38 9.96 17.79
CA THR A 19 3.85 10.62 16.58
C THR A 19 2.88 11.63 16.00
N SER A 20 1.61 11.23 15.93
CA SER A 20 0.60 12.00 15.25
C SER A 20 -0.76 12.04 15.96
N PRO A 21 -0.81 12.58 17.22
CA PRO A 21 -2.14 12.49 17.86
C PRO A 21 -3.17 13.32 17.12
N GLY A 22 -2.71 14.37 16.45
CA GLY A 22 -3.67 15.32 15.87
C GLY A 22 -4.35 14.80 14.63
N LEU A 23 -3.80 13.74 14.06
CA LEU A 23 -4.25 13.17 12.78
C LEU A 23 -5.13 11.95 13.06
N GLU A 24 -5.35 11.66 14.34
CA GLU A 24 -6.27 10.58 14.67
C GLU A 24 -7.68 10.97 14.24
N GLY A 25 -8.34 10.08 13.50
CA GLY A 25 -9.68 10.36 13.03
C GLY A 25 -9.70 10.95 11.65
N SER A 26 -8.52 11.21 11.06
CA SER A 26 -8.41 11.62 9.64
C SER A 26 -7.40 10.73 8.88
N VAL A 27 -6.10 10.86 9.19
CA VAL A 27 -5.01 10.16 8.51
C VAL A 27 -4.67 8.81 9.18
N TRP A 28 -5.07 8.61 10.44
CA TRP A 28 -5.04 7.27 11.04
C TRP A 28 -6.23 7.10 11.94
N GLN A 29 -6.68 5.84 12.11
CA GLN A 29 -7.79 5.47 13.01
C GLN A 29 -7.85 3.96 13.28
N ARG A 30 -7.88 3.64 14.55
CA ARG A 30 -8.19 2.28 15.07
C ARG A 30 -9.69 2.10 15.20
N THR A 31 -10.19 0.93 14.81
CA THR A 31 -11.64 0.61 15.03
C THR A 31 -11.84 -0.85 15.31
N ASP A 32 -12.89 -1.15 16.07
CA ASP A 32 -13.35 -2.49 16.28
C ASP A 32 -14.52 -2.78 15.36
N GLY A 33 -14.83 -4.08 15.19
CA GLY A 33 -16.08 -4.47 14.56
C GLY A 33 -16.04 -4.47 13.06
N ASN A 34 -14.87 -4.70 12.52
CA ASN A 34 -14.75 -4.89 11.09
C ASN A 34 -14.96 -6.28 10.63
N ARG A 35 -15.18 -6.41 9.33
CA ARG A 35 -15.36 -7.72 8.76
C ARG A 35 -14.46 -7.92 7.54
N LEU A 36 -13.74 -9.03 7.48
CA LEU A 36 -12.93 -9.29 6.31
C LEU A 36 -13.83 -9.87 5.25
N ASP A 37 -14.03 -9.08 4.19
CA ASP A 37 -15.12 -9.29 3.24
C ASP A 37 -14.94 -10.47 2.28
N ALA A 38 -15.41 -11.64 2.70
CA ALA A 38 -15.33 -12.87 1.91
C ALA A 38 -16.71 -13.42 1.44
N PRO A 39 -16.78 -13.86 0.16
CA PRO A 39 -18.01 -14.51 -0.33
C PRO A 39 -18.13 -15.95 0.17
N ASP A 40 -19.29 -16.53 -0.09
CA ASP A 40 -19.65 -17.86 0.38
C ASP A 40 -18.88 -18.87 -0.44
N GLY A 41 -18.32 -19.87 0.24
CA GLY A 41 -17.46 -20.89 -0.39
C GLY A 41 -16.08 -20.43 -0.78
N ASP A 42 -15.67 -19.28 -0.25
CA ASP A 42 -14.38 -18.66 -0.58
C ASP A 42 -13.94 -17.84 0.67
N PRO A 43 -13.65 -18.54 1.82
CA PRO A 43 -13.44 -17.90 3.14
C PRO A 43 -12.24 -16.92 3.22
N ALA A 44 -11.18 -17.18 2.44
CA ALA A 44 -10.04 -16.26 2.30
C ALA A 44 -10.20 -15.35 1.07
N GLY A 45 -11.42 -15.26 0.54
CA GLY A 45 -11.76 -14.37 -0.58
C GLY A 45 -11.69 -12.86 -0.33
N TRP A 46 -11.52 -12.50 0.94
CA TRP A 46 -11.17 -11.14 1.35
C TRP A 46 -9.77 -10.77 0.96
N LEU A 47 -8.88 -11.74 0.80
CA LEU A 47 -7.48 -11.49 0.42
C LEU A 47 -7.38 -11.51 -1.08
N LEU A 48 -7.26 -10.33 -1.71
CA LEU A 48 -7.34 -10.16 -3.18
C LEU A 48 -5.95 -10.11 -3.89
N GLN A 49 -5.35 -11.28 -4.09
CA GLN A 49 -4.02 -11.37 -4.68
C GLN A 49 -4.18 -11.56 -6.15
N THR A 50 -3.22 -11.06 -6.91
CA THR A 50 -3.24 -11.16 -8.38
C THR A 50 -1.79 -11.52 -8.72
N PRO A 51 -1.59 -12.40 -9.69
CA PRO A 51 -2.65 -13.13 -10.43
C PRO A 51 -3.23 -14.33 -9.73
N GLY A 52 -2.66 -14.75 -8.60
CA GLY A 52 -3.10 -15.98 -7.96
C GLY A 52 -3.09 -17.14 -8.94
N CYS A 53 -1.88 -17.51 -9.38
CA CYS A 53 -1.67 -18.66 -10.32
C CYS A 53 -0.44 -19.44 -9.92
N TRP A 54 -0.35 -19.79 -8.63
CA TRP A 54 0.82 -20.47 -8.02
C TRP A 54 1.16 -21.80 -8.71
N GLY A 55 2.43 -22.01 -9.00
CA GLY A 55 2.90 -23.30 -9.51
C GLY A 55 2.77 -23.45 -10.99
N ASP A 56 2.48 -22.36 -11.69
CA ASP A 56 2.32 -22.40 -13.13
C ASP A 56 2.93 -21.15 -13.77
N ALA A 57 4.06 -21.36 -14.44
CA ALA A 57 4.88 -20.37 -15.12
C ALA A 57 4.22 -19.92 -16.42
N GLY A 58 3.19 -20.64 -16.88
CA GLY A 58 2.31 -20.11 -17.95
C GLY A 58 1.14 -19.25 -17.43
N CYS A 59 0.91 -19.29 -16.10
CA CYS A 59 -0.14 -18.52 -15.42
C CYS A 59 -1.52 -18.64 -16.10
N LYS A 60 -1.93 -19.85 -16.43
CA LYS A 60 -3.17 -20.04 -17.19
C LYS A 60 -4.42 -19.86 -16.29
N ASP A 61 -4.30 -20.16 -15.00
CA ASP A 61 -5.51 -20.11 -14.17
C ASP A 61 -5.42 -18.94 -13.17
N ARG A 62 -5.86 -17.78 -13.64
CA ARG A 62 -5.63 -16.58 -12.87
C ARG A 62 -6.80 -16.33 -11.93
N ALA A 63 -6.90 -17.19 -10.90
CA ALA A 63 -8.05 -17.21 -9.96
C ALA A 63 -8.04 -16.03 -9.03
N GLY A 64 -6.86 -15.48 -8.82
CA GLY A 64 -6.72 -14.25 -8.04
C GLY A 64 -7.17 -13.00 -8.79
N THR A 65 -6.67 -12.85 -10.00
CA THR A 65 -7.20 -11.83 -10.92
C THR A 65 -8.73 -11.84 -11.00
N ARG A 66 -9.32 -12.98 -11.43
CA ARG A 66 -10.79 -13.12 -11.51
C ARG A 66 -11.56 -12.60 -10.29
N ARG A 67 -11.17 -13.07 -9.12
CA ARG A 67 -11.72 -12.64 -7.82
C ARG A 67 -11.50 -11.17 -7.52
N LEU A 68 -10.32 -10.65 -7.76
CA LEU A 68 -10.03 -9.22 -7.59
C LEU A 68 -11.07 -8.40 -8.36
N LEU A 69 -11.18 -8.69 -9.66
CA LEU A 69 -12.05 -7.95 -10.54
C LEU A 69 -13.54 -8.16 -10.25
N ASP A 70 -13.93 -9.35 -9.76
CA ASP A 70 -15.35 -9.64 -9.50
C ASP A 70 -15.69 -8.83 -8.24
N LYS A 71 -14.74 -8.73 -7.33
CA LYS A 71 -14.98 -8.01 -6.06
C LYS A 71 -15.03 -6.47 -6.25
N MET A 72 -14.19 -5.90 -7.11
CA MET A 72 -14.29 -4.47 -7.47
C MET A 72 -15.65 -4.17 -8.08
N THR A 73 -16.02 -4.91 -9.14
CA THR A 73 -17.30 -4.78 -9.80
C THR A 73 -18.48 -4.83 -8.80
N ARG A 74 -18.54 -5.88 -8.01
CA ARG A 74 -19.63 -6.15 -7.06
C ARG A 74 -19.69 -5.13 -5.92
N ASN A 75 -18.54 -4.67 -5.43
CA ASN A 75 -18.59 -3.62 -4.44
C ASN A 75 -19.21 -2.33 -5.03
N ILE A 76 -18.88 -2.02 -6.28
CA ILE A 76 -19.39 -0.81 -6.93
C ILE A 76 -20.87 -0.96 -7.29
N ALA A 77 -21.24 -2.14 -7.80
CA ALA A 77 -22.64 -2.47 -8.14
C ALA A 77 -23.58 -2.32 -6.95
N ASP A 78 -23.08 -2.58 -5.74
CA ASP A 78 -23.83 -2.40 -4.49
C ASP A 78 -23.95 -0.97 -3.95
N ALA A 79 -23.34 0.00 -4.64
CA ALA A 79 -23.43 1.41 -4.17
C ALA A 79 -24.82 2.04 -4.23
N ARG A 80 -25.19 2.66 -3.12
CA ARG A 80 -26.36 3.51 -3.05
C ARG A 80 -26.01 5.00 -3.32
N HIS A 81 -24.86 5.48 -2.81
CA HIS A 81 -24.64 6.95 -2.80
C HIS A 81 -23.30 7.43 -3.31
N THR A 82 -22.23 6.80 -2.78
CA THR A 82 -20.81 7.18 -3.03
C THR A 82 -19.86 6.05 -3.48
N VAL A 83 -19.00 6.37 -4.45
CA VAL A 83 -17.82 5.58 -4.89
C VAL A 83 -16.56 6.50 -4.81
N ASP A 84 -15.55 6.03 -4.08
CA ASP A 84 -14.32 6.83 -3.89
C ASP A 84 -13.05 6.03 -4.29
N ILE A 85 -12.52 6.33 -5.50
CA ILE A 85 -11.30 5.71 -6.04
C ILE A 85 -10.06 6.65 -5.97
N SER A 86 -9.00 6.13 -5.36
CA SER A 86 -7.67 6.68 -5.46
C SER A 86 -6.72 5.63 -6.09
N SER A 87 -5.70 6.12 -6.77
CA SER A 87 -4.69 5.31 -7.41
C SER A 87 -3.45 6.15 -7.83
N LEU A 88 -2.50 5.46 -8.44
CA LEU A 88 -1.32 6.07 -9.00
C LEU A 88 -1.57 6.17 -10.47
N ALA A 89 -1.24 7.31 -11.10
CA ALA A 89 -1.45 7.50 -12.56
C ALA A 89 -0.65 6.48 -13.39
N PRO A 90 -1.17 5.99 -14.54
CA PRO A 90 -2.47 6.31 -15.20
C PRO A 90 -3.73 5.94 -14.40
N PHE A 91 -4.80 6.64 -14.72
CA PHE A 91 -6.15 6.27 -14.34
C PHE A 91 -6.42 4.83 -14.73
N PRO A 92 -7.25 4.10 -13.95
CA PRO A 92 -7.56 2.66 -14.29
C PRO A 92 -8.04 2.41 -15.74
N ASN A 93 -7.48 1.39 -16.38
CA ASN A 93 -7.84 1.00 -17.75
C ASN A 93 -8.17 -0.48 -17.80
N GLY A 94 -8.42 -1.00 -19.01
CA GLY A 94 -8.88 -2.37 -19.23
C GLY A 94 -9.97 -2.83 -18.26
N GLY A 95 -9.80 -4.03 -17.71
CA GLY A 95 -10.73 -4.64 -16.75
C GLY A 95 -10.90 -3.93 -15.42
N PHE A 96 -9.87 -3.19 -14.98
CA PHE A 96 -10.03 -2.34 -13.81
C PHE A 96 -11.05 -1.23 -14.13
N GLU A 97 -10.95 -0.66 -15.32
CA GLU A 97 -11.97 0.31 -15.77
C GLU A 97 -13.40 -0.30 -15.89
N ASP A 98 -13.49 -1.48 -16.52
CA ASP A 98 -14.77 -2.17 -16.73
C ASP A 98 -15.50 -2.48 -15.41
N ALA A 99 -14.74 -2.76 -14.36
CA ALA A 99 -15.28 -3.04 -13.05
C ALA A 99 -16.07 -1.83 -12.55
N VAL A 100 -15.51 -0.65 -12.84
CA VAL A 100 -16.02 0.61 -12.31
C VAL A 100 -17.26 0.92 -13.12
N VAL A 101 -17.19 0.82 -14.45
CA VAL A 101 -18.27 1.11 -15.38
C VAL A 101 -19.46 0.13 -15.23
N ASP A 102 -19.18 -1.17 -15.24
CA ASP A 102 -20.22 -2.16 -14.99
C ASP A 102 -20.89 -1.96 -13.63
N GLY A 103 -20.05 -1.77 -12.60
CA GLY A 103 -20.50 -1.43 -11.25
C GLY A 103 -21.37 -0.19 -11.13
N LEU A 104 -21.01 0.90 -11.79
CA LEU A 104 -21.83 2.11 -11.72
C LEU A 104 -23.16 1.97 -12.47
N LYS A 105 -23.12 1.40 -13.67
CA LYS A 105 -24.36 1.14 -14.41
C LYS A 105 -25.30 0.25 -13.59
N ALA A 106 -24.77 -0.68 -12.81
CA ALA A 106 -25.62 -1.57 -12.03
C ALA A 106 -26.32 -0.81 -10.94
N SER A 107 -25.58 0.10 -10.29
CA SER A 107 -26.06 0.99 -9.22
C SER A 107 -27.22 1.89 -9.76
N VAL A 108 -26.97 2.48 -10.95
CA VAL A 108 -27.98 3.26 -11.69
C VAL A 108 -29.15 2.39 -12.10
N ALA A 109 -28.90 1.14 -12.49
CA ALA A 109 -30.04 0.29 -12.85
C ALA A 109 -30.83 -0.12 -11.60
N ALA A 110 -30.19 -0.17 -10.45
CA ALA A 110 -30.90 -0.33 -9.18
C ALA A 110 -31.63 0.97 -8.75
N GLY A 111 -31.54 2.06 -9.51
CA GLY A 111 -32.28 3.27 -9.19
C GLY A 111 -31.53 4.38 -8.46
N HIS A 112 -30.20 4.23 -8.30
CA HIS A 112 -29.39 5.20 -7.59
C HIS A 112 -28.73 6.24 -8.49
N SER A 113 -28.26 7.32 -7.88
CA SER A 113 -27.53 8.39 -8.56
C SER A 113 -26.21 8.64 -7.79
N PRO A 114 -25.25 7.71 -7.92
CA PRO A 114 -24.05 7.76 -7.11
C PRO A 114 -23.14 8.97 -7.43
N ARG A 115 -22.56 9.56 -6.40
CA ARG A 115 -21.43 10.52 -6.51
C ARG A 115 -20.12 9.71 -6.53
N VAL A 116 -19.23 10.02 -7.48
CA VAL A 116 -18.00 9.28 -7.68
C VAL A 116 -16.84 10.25 -7.65
N ARG A 117 -15.83 9.98 -6.82
CA ARG A 117 -14.51 10.66 -6.94
C ARG A 117 -13.43 9.71 -7.54
N ILE A 118 -12.61 10.20 -8.45
CA ILE A 118 -11.43 9.43 -8.86
C ILE A 118 -10.17 10.28 -8.81
N LEU A 119 -9.23 9.87 -7.96
CA LEU A 119 -8.04 10.70 -7.69
C LEU A 119 -6.75 9.96 -7.98
N VAL A 120 -5.96 10.50 -8.87
CA VAL A 120 -4.59 9.95 -9.07
C VAL A 120 -3.45 10.92 -8.72
N GLY A 121 -2.36 10.36 -8.21
CA GLY A 121 -1.13 11.13 -8.02
C GLY A 121 -0.34 11.01 -9.29
N ALA A 122 0.35 12.10 -9.64
CA ALA A 122 1.12 12.15 -10.89
C ALA A 122 2.54 12.62 -10.59
N ALA A 123 3.55 11.86 -11.01
CA ALA A 123 4.95 12.31 -10.87
C ALA A 123 5.19 13.51 -11.76
N PRO A 124 6.01 14.49 -11.31
CA PRO A 124 6.24 15.69 -12.15
C PRO A 124 6.75 15.48 -13.59
N ILE A 125 7.34 14.35 -13.98
CA ILE A 125 7.68 14.24 -15.42
C ILE A 125 6.83 13.31 -16.31
N TYR A 126 6.69 12.03 -15.94
CA TYR A 126 5.72 11.19 -16.68
C TYR A 126 4.32 11.64 -16.43
N HIS A 127 3.84 12.74 -17.03
CA HIS A 127 2.37 12.83 -17.17
C HIS A 127 1.79 13.24 -18.53
N LEU A 128 1.43 12.25 -19.38
CA LEU A 128 1.67 10.78 -19.24
C LEU A 128 1.27 9.97 -20.48
N ASN A 129 0.53 10.51 -21.47
CA ASN A 129 -0.89 10.99 -21.48
C ASN A 129 -1.84 11.26 -20.31
N VAL A 130 -1.50 11.87 -19.16
CA VAL A 130 -2.47 11.80 -17.96
C VAL A 130 -3.55 12.92 -17.78
N VAL A 131 -4.75 12.71 -18.30
CA VAL A 131 -5.66 13.86 -18.45
C VAL A 131 -7.10 13.63 -17.89
N PRO A 132 -7.43 14.27 -16.76
CA PRO A 132 -8.73 14.09 -16.12
C PRO A 132 -9.97 14.27 -17.01
N SER A 133 -9.95 15.29 -17.87
CA SER A 133 -11.07 15.63 -18.74
C SER A 133 -11.23 14.56 -19.79
N ARG A 134 -10.13 13.99 -20.27
CA ARG A 134 -10.24 12.94 -21.29
C ARG A 134 -10.72 11.63 -20.66
N TYR A 135 -10.17 11.34 -19.48
CA TYR A 135 -10.61 10.17 -18.72
C TYR A 135 -12.11 10.24 -18.32
N ARG A 136 -12.54 11.36 -17.77
CA ARG A 136 -13.96 11.59 -17.47
C ARG A 136 -14.86 11.42 -18.70
N ASP A 137 -14.40 11.91 -19.85
CA ASP A 137 -15.15 11.85 -21.11
C ASP A 137 -15.27 10.43 -21.59
N GLU A 138 -14.22 9.65 -21.35
CA GLU A 138 -14.19 8.24 -21.69
C GLU A 138 -15.20 7.43 -20.88
N LEU A 139 -15.19 7.59 -19.54
CA LEU A 139 -16.22 7.04 -18.60
C LEU A 139 -17.63 7.50 -18.97
N ILE A 140 -17.79 8.78 -19.29
CA ILE A 140 -19.10 9.22 -19.71
C ILE A 140 -19.55 8.43 -20.94
N GLY A 141 -18.70 8.32 -21.97
CA GLY A 141 -19.03 7.53 -23.19
C GLY A 141 -19.34 6.05 -22.92
N LYS A 142 -18.46 5.42 -22.15
CA LYS A 142 -18.65 4.07 -21.70
C LYS A 142 -19.87 3.85 -20.79
N LEU A 143 -20.26 4.87 -20.03
CA LEU A 143 -21.43 4.77 -19.14
C LEU A 143 -22.80 4.86 -19.85
N GLY A 144 -22.83 5.40 -21.06
CA GLY A 144 -24.08 5.46 -21.82
C GLY A 144 -25.08 6.40 -21.18
N ALA A 145 -26.34 5.95 -21.15
CA ALA A 145 -27.46 6.73 -20.63
C ALA A 145 -27.42 6.86 -19.11
N ALA A 146 -26.72 5.94 -18.46
CA ALA A 146 -26.37 6.04 -17.04
C ALA A 146 -25.58 7.32 -16.66
N ALA A 147 -24.82 7.90 -17.57
CA ALA A 147 -23.93 9.00 -17.16
C ALA A 147 -24.73 10.14 -16.46
N GLY A 148 -25.96 10.40 -16.91
CA GLY A 148 -26.82 11.44 -16.35
C GLY A 148 -26.99 11.37 -14.85
N LYS A 149 -26.90 10.15 -14.30
CA LYS A 149 -27.15 9.90 -12.88
C LYS A 149 -25.87 9.78 -12.06
N VAL A 150 -24.73 9.73 -12.75
CA VAL A 150 -23.44 9.64 -12.06
C VAL A 150 -22.71 11.00 -12.03
N THR A 151 -22.44 11.45 -10.80
CA THR A 151 -21.69 12.66 -10.55
C THR A 151 -20.21 12.31 -10.35
N LEU A 152 -19.38 12.72 -11.31
CA LEU A 152 -17.97 12.49 -11.31
C LEU A 152 -17.17 13.71 -10.88
N ASN A 153 -16.13 13.46 -10.08
CA ASN A 153 -14.99 14.39 -9.85
C ASN A 153 -13.80 13.58 -10.17
N VAL A 154 -13.00 14.05 -11.14
CA VAL A 154 -11.82 13.33 -11.63
C VAL A 154 -10.61 14.28 -11.55
N ALA A 155 -9.62 13.92 -10.74
CA ALA A 155 -8.45 14.73 -10.56
C ALA A 155 -7.11 13.97 -10.62
N SER A 156 -6.09 14.63 -11.19
CA SER A 156 -4.72 14.23 -11.08
C SER A 156 -4.00 15.30 -10.31
N MET A 157 -3.05 14.93 -9.44
CA MET A 157 -2.46 15.88 -8.46
C MET A 157 -0.98 15.59 -8.12
N THR A 158 -0.23 16.65 -7.92
CA THR A 158 1.15 16.55 -7.47
C THR A 158 1.28 17.58 -6.36
N THR A 159 1.51 17.10 -5.14
CA THR A 159 1.58 17.96 -3.95
C THR A 159 2.92 18.75 -3.78
N SER A 160 4.04 18.14 -4.20
CA SER A 160 5.37 18.77 -4.22
C SER A 160 6.19 18.27 -5.40
N LYS A 161 6.66 19.20 -6.23
CA LYS A 161 7.56 18.89 -7.37
C LYS A 161 8.97 18.53 -6.88
N THR A 162 9.54 19.44 -6.07
CA THR A 162 10.91 19.35 -5.55
C THR A 162 11.11 18.21 -4.52
N SER A 163 10.07 17.90 -3.72
CA SER A 163 10.12 16.80 -2.76
C SER A 163 9.42 15.53 -3.18
N LEU A 164 9.11 15.43 -4.47
CA LEU A 164 8.62 14.18 -5.07
C LEU A 164 7.47 13.52 -4.32
N SER A 165 6.39 14.31 -4.15
CA SER A 165 5.19 13.87 -3.43
C SER A 165 3.91 13.99 -4.28
N TRP A 166 3.12 12.90 -4.30
CA TRP A 166 1.83 12.86 -5.00
C TRP A 166 1.11 11.67 -4.43
N ASN A 167 -0.18 11.52 -4.77
CA ASN A 167 -0.92 10.37 -4.25
C ASN A 167 -0.48 9.04 -4.85
N ALA A 168 -0.20 8.02 -4.02
CA ALA A 168 -0.02 6.65 -4.54
C ALA A 168 -0.87 5.64 -3.80
N SER A 169 -1.64 6.08 -2.78
CA SER A 169 -2.73 5.27 -2.25
C SER A 169 -3.68 4.71 -3.32
N LYS A 170 -4.12 3.48 -3.06
CA LYS A 170 -4.83 2.66 -4.02
C LYS A 170 -6.04 2.20 -3.25
N LEU A 171 -7.12 2.99 -3.39
CA LEU A 171 -8.35 2.79 -2.61
C LEU A 171 -9.61 2.78 -3.42
N LEU A 172 -10.50 1.84 -3.08
CA LEU A 172 -11.89 1.78 -3.58
C LEU A 172 -12.83 1.60 -2.40
N VAL A 173 -13.55 2.66 -2.03
CA VAL A 173 -14.44 2.73 -0.86
C VAL A 173 -15.86 2.98 -1.38
N VAL A 174 -16.83 2.24 -0.84
CA VAL A 174 -18.20 2.38 -1.30
C VAL A 174 -19.08 2.68 -0.11
N ASP A 175 -19.88 3.74 -0.23
CA ASP A 175 -20.81 4.24 0.80
C ASP A 175 -20.19 4.44 2.20
N GLY A 176 -18.91 4.80 2.26
CA GLY A 176 -18.10 4.74 3.48
C GLY A 176 -18.24 3.44 4.25
N LYS A 177 -18.68 2.36 3.59
CA LYS A 177 -19.03 1.07 4.23
C LYS A 177 -18.12 -0.14 3.87
N THR A 178 -17.63 -0.17 2.64
CA THR A 178 -16.68 -1.18 2.22
C THR A 178 -15.43 -0.50 1.62
N ALA A 179 -14.26 -1.14 1.79
CA ALA A 179 -12.98 -0.64 1.31
C ALA A 179 -12.15 -1.79 0.77
N ILE A 180 -11.53 -1.54 -0.39
CA ILE A 180 -10.57 -2.43 -1.05
C ILE A 180 -9.31 -1.57 -1.23
N THR A 181 -8.18 -2.06 -0.72
CA THR A 181 -6.93 -1.31 -0.72
C THR A 181 -5.73 -2.24 -0.74
N GLY A 182 -4.60 -1.69 -1.12
CA GLY A 182 -3.44 -2.50 -1.28
C GLY A 182 -2.56 -1.85 -2.32
N GLY A 183 -1.82 -2.69 -3.07
CA GLY A 183 -0.75 -2.20 -3.89
C GLY A 183 -1.07 -2.11 -5.37
N ILE A 184 -2.27 -2.55 -5.74
CA ILE A 184 -2.62 -2.80 -7.15
C ILE A 184 -3.01 -1.51 -7.81
N ASN A 185 -2.22 -1.11 -8.82
CA ASN A 185 -2.60 0.02 -9.69
C ASN A 185 -3.49 -0.52 -10.84
N GLY A 186 -4.35 0.33 -11.39
CA GLY A 186 -5.23 -0.08 -12.45
C GLY A 186 -4.59 -0.08 -13.82
N TRP A 187 -3.47 -0.79 -13.95
CA TRP A 187 -2.62 -0.83 -15.16
C TRP A 187 -2.69 -2.17 -15.90
N LYS A 188 -3.60 -2.25 -16.87
CA LYS A 188 -3.98 -3.55 -17.50
C LYS A 188 -2.83 -4.28 -18.14
N ASP A 189 -1.91 -3.52 -18.71
CA ASP A 189 -0.80 -4.07 -19.43
C ASP A 189 0.21 -4.72 -18.50
N ASP A 190 0.33 -4.19 -17.28
CA ASP A 190 1.21 -4.74 -16.25
C ASP A 190 0.55 -5.88 -15.48
N TYR A 191 -0.76 -5.76 -15.24
CA TYR A 191 -1.48 -6.75 -14.42
C TYR A 191 -2.28 -7.79 -15.12
N LEU A 192 -2.82 -7.46 -16.30
CA LEU A 192 -3.87 -8.30 -16.90
C LEU A 192 -3.54 -8.90 -18.25
N ASP A 193 -3.34 -8.04 -19.24
CA ASP A 193 -3.12 -8.44 -20.61
C ASP A 193 -1.64 -8.65 -20.89
N THR A 194 -1.05 -9.67 -20.27
CA THR A 194 0.39 -9.96 -20.35
C THR A 194 0.57 -11.41 -19.92
N ALA A 195 1.62 -12.09 -20.42
CA ALA A 195 1.94 -13.45 -19.94
C ALA A 195 2.95 -13.45 -18.77
N HIS A 196 3.35 -12.25 -18.34
CA HIS A 196 4.20 -12.06 -17.18
C HIS A 196 3.53 -11.06 -16.19
N PRO A 197 2.33 -11.41 -15.70
CA PRO A 197 1.63 -10.48 -14.78
C PRO A 197 2.41 -10.10 -13.45
N VAL A 198 2.28 -8.83 -13.05
CA VAL A 198 2.79 -8.34 -11.79
C VAL A 198 2.02 -9.05 -10.68
N SER A 199 2.80 -9.51 -9.69
CA SER A 199 2.28 -10.11 -8.47
C SER A 199 2.07 -9.05 -7.39
N ASP A 200 0.85 -8.99 -6.88
CA ASP A 200 0.45 -7.91 -6.01
C ASP A 200 -0.66 -8.42 -5.06
N VAL A 201 -1.03 -7.59 -4.08
CA VAL A 201 -2.08 -7.97 -3.19
C VAL A 201 -2.86 -6.77 -2.71
N ASP A 202 -4.18 -6.90 -2.75
CA ASP A 202 -5.13 -6.02 -2.07
C ASP A 202 -5.83 -6.85 -0.98
N MET A 203 -6.61 -6.18 -0.13
CA MET A 203 -7.54 -6.83 0.74
C MET A 203 -8.84 -6.03 0.68
N ALA A 204 -9.91 -6.68 1.12
CA ALA A 204 -11.22 -6.17 1.04
C ALA A 204 -11.81 -6.28 2.43
N LEU A 205 -12.34 -5.18 2.93
CA LEU A 205 -13.06 -5.21 4.19
C LEU A 205 -14.39 -4.43 4.19
N SER A 206 -15.18 -4.61 5.26
CA SER A 206 -16.36 -3.76 5.48
C SER A 206 -16.40 -3.36 6.92
N GLY A 207 -17.08 -2.28 7.27
CA GLY A 207 -17.03 -1.86 8.66
C GLY A 207 -16.61 -0.44 8.92
N PRO A 208 -16.54 -0.08 10.22
CA PRO A 208 -16.06 1.24 10.59
C PRO A 208 -14.74 1.68 9.90
N ALA A 209 -13.84 0.76 9.59
CA ALA A 209 -12.54 1.05 8.99
C ALA A 209 -12.69 1.49 7.55
N ALA A 210 -13.84 1.20 6.94
CA ALA A 210 -14.11 1.68 5.58
C ALA A 210 -14.37 3.17 5.65
N ARG A 211 -14.96 3.61 6.78
CA ARG A 211 -15.20 5.02 7.03
C ARG A 211 -13.87 5.75 7.35
N SER A 212 -12.99 5.11 8.11
CA SER A 212 -11.65 5.62 8.36
C SER A 212 -10.95 5.90 7.03
N ALA A 213 -11.11 5.00 6.07
CA ALA A 213 -10.47 5.21 4.78
C ALA A 213 -11.08 6.38 3.98
N GLY A 214 -12.41 6.58 4.05
CA GLY A 214 -13.07 7.68 3.35
C GLY A 214 -12.65 9.02 3.94
N LYS A 215 -12.44 9.01 5.24
CA LYS A 215 -12.01 10.18 6.01
C LYS A 215 -10.62 10.60 5.55
N TYR A 216 -9.77 9.62 5.29
CA TYR A 216 -8.48 9.86 4.73
C TYR A 216 -8.58 10.54 3.35
N LEU A 217 -9.53 10.09 2.53
CA LEU A 217 -9.76 10.54 1.14
C LEU A 217 -10.35 11.95 1.04
N ASP A 218 -11.25 12.30 1.97
CA ASP A 218 -11.73 13.68 2.14
C ASP A 218 -10.58 14.60 2.47
N THR A 219 -9.64 14.14 3.30
CA THR A 219 -8.40 14.88 3.58
C THR A 219 -7.62 15.24 2.32
N LEU A 220 -7.48 14.25 1.47
CA LEU A 220 -6.87 14.38 0.12
C LEU A 220 -7.67 15.27 -0.86
N TRP A 221 -8.98 15.12 -0.89
CA TRP A 221 -9.83 15.97 -1.72
C TRP A 221 -10.04 17.39 -1.19
N ASP A 222 -9.99 17.60 0.13
CA ASP A 222 -10.00 18.97 0.61
C ASP A 222 -8.82 19.75 -0.07
N TRP A 223 -7.59 19.22 0.09
CA TRP A 223 -6.39 19.80 -0.48
C TRP A 223 -6.51 19.97 -1.98
N THR A 224 -7.05 18.93 -2.63
CA THR A 224 -7.21 18.82 -4.08
C THR A 224 -8.25 19.79 -4.66
N CYS A 225 -9.43 19.84 -4.08
CA CYS A 225 -10.39 20.90 -4.42
C CYS A 225 -9.82 22.32 -4.23
N ARG A 226 -9.18 22.59 -3.08
CA ARG A 226 -8.57 23.89 -2.83
C ARG A 226 -7.48 24.19 -3.86
N ASN A 227 -6.60 23.23 -4.12
CA ASN A 227 -5.43 23.46 -5.00
C ASN A 227 -5.66 23.35 -6.51
N ALA A 228 -6.92 23.20 -6.91
CA ALA A 228 -7.31 23.35 -8.33
C ALA A 228 -7.18 24.80 -8.82
N SER A 229 -6.96 25.71 -7.88
CA SER A 229 -6.58 27.08 -8.21
C SER A 229 -5.14 27.16 -8.82
N ASP A 230 -4.42 26.05 -8.72
CA ASP A 230 -3.04 25.96 -9.19
C ASP A 230 -2.89 24.78 -10.14
N PRO A 231 -3.09 25.01 -11.44
CA PRO A 231 -3.02 23.94 -12.44
C PRO A 231 -1.70 23.20 -12.56
N ALA A 232 -0.62 23.80 -12.04
CA ALA A 232 0.67 23.07 -11.86
C ALA A 232 0.56 21.95 -10.84
N LYS A 233 -0.42 22.02 -9.91
CA LYS A 233 -0.55 20.99 -8.85
C LYS A 233 -1.71 20.04 -9.09
N VAL A 234 -2.85 20.61 -9.51
CA VAL A 234 -4.10 19.85 -9.72
C VAL A 234 -4.69 20.11 -11.12
N TRP A 235 -5.00 18.99 -11.81
CA TRP A 235 -5.97 19.03 -12.92
C TRP A 235 -7.25 18.34 -12.49
N LEU A 236 -8.37 19.00 -12.75
CA LEU A 236 -9.67 18.57 -12.26
C LEU A 236 -10.71 18.65 -13.33
N ALA A 237 -11.54 17.63 -13.42
CA ALA A 237 -12.64 17.60 -14.37
C ALA A 237 -13.86 17.02 -13.66
N THR A 238 -14.96 17.79 -13.61
CA THR A 238 -16.20 17.33 -13.02
C THR A 238 -17.15 17.04 -14.15
N SER A 239 -18.22 16.30 -13.86
CA SER A 239 -19.33 16.07 -14.80
C SER A 239 -20.66 16.70 -14.36
N ASN A 240 -21.56 16.90 -15.33
CA ASN A 240 -22.94 17.41 -15.06
C ASN A 240 -23.04 18.81 -14.41
N GLY A 241 -22.03 19.66 -14.63
CA GLY A 241 -21.88 20.94 -13.88
C GLY A 241 -21.53 20.91 -12.37
N ALA A 242 -21.20 19.74 -11.87
CA ALA A 242 -21.03 19.52 -10.47
C ALA A 242 -19.81 20.23 -9.88
N SER A 243 -19.96 20.69 -8.63
CA SER A 243 -18.89 21.25 -7.84
C SER A 243 -17.93 20.17 -7.38
N CYS A 244 -16.79 20.64 -6.91
CA CYS A 244 -15.79 19.77 -6.36
C CYS A 244 -16.40 19.35 -5.04
N MET A 245 -16.13 18.08 -4.69
CA MET A 245 -16.63 17.47 -3.47
C MET A 245 -15.50 17.14 -2.47
N PRO A 246 -15.02 18.14 -1.73
CA PRO A 246 -14.02 17.94 -0.67
C PRO A 246 -14.48 17.02 0.44
N SER A 247 -15.79 16.87 0.54
CA SER A 247 -16.41 16.46 1.76
C SER A 247 -17.36 15.28 1.52
N MET A 248 -17.27 14.64 0.36
CA MET A 248 -18.14 13.55 0.01
C MET A 248 -18.33 12.53 1.14
N GLU A 249 -17.22 12.07 1.77
CA GLU A 249 -17.30 11.00 2.79
C GLU A 249 -17.94 11.44 4.13
N GLN A 250 -17.63 12.64 4.60
CA GLN A 250 -18.40 13.23 5.70
C GLN A 250 -19.87 13.40 5.36
N ASP A 251 -20.18 13.87 4.17
CA ASP A 251 -21.57 14.01 3.75
C ASP A 251 -22.28 12.69 3.81
N GLU A 252 -21.58 11.60 3.59
CA GLU A 252 -22.27 10.32 3.50
C GLU A 252 -22.37 9.72 4.89
N ALA A 253 -21.35 9.93 5.73
CA ALA A 253 -21.44 9.52 7.14
C ALA A 253 -22.57 10.25 7.85
N GLY A 254 -22.76 11.55 7.53
CA GLY A 254 -23.63 12.40 8.30
C GLY A 254 -23.30 12.29 9.79
N SER A 255 -24.30 11.93 10.59
CA SER A 255 -24.29 12.09 12.02
C SER A 255 -24.52 10.77 12.82
N ALA A 256 -24.56 9.62 12.16
CA ALA A 256 -24.71 8.36 12.89
C ALA A 256 -23.35 7.62 12.98
N PRO A 257 -23.14 6.79 14.02
CA PRO A 257 -21.87 6.01 14.05
C PRO A 257 -21.78 4.93 12.97
N ALA A 258 -20.56 4.55 12.56
CA ALA A 258 -20.36 3.40 11.69
C ALA A 258 -20.73 2.16 12.49
N GLU A 259 -21.55 1.33 11.87
CA GLU A 259 -22.04 0.11 12.49
C GLU A 259 -21.02 -1.02 12.22
N PRO A 260 -20.76 -1.86 13.24
CA PRO A 260 -19.90 -3.03 13.00
C PRO A 260 -20.56 -4.08 12.07
N THR A 261 -19.70 -4.77 11.33
CA THR A 261 -20.08 -5.79 10.40
C THR A 261 -19.47 -7.14 10.82
N GLY A 262 -18.65 -7.14 11.84
CA GLY A 262 -17.91 -8.33 12.23
C GLY A 262 -17.19 -8.10 13.52
N ASP A 263 -16.06 -8.77 13.73
CA ASP A 263 -15.31 -8.65 14.98
C ASP A 263 -13.81 -8.39 14.79
N VAL A 264 -13.40 -7.88 13.65
CA VAL A 264 -12.01 -7.76 13.35
C VAL A 264 -11.53 -6.38 13.78
N PRO A 265 -10.48 -6.30 14.59
CA PRO A 265 -10.07 -4.95 14.92
C PRO A 265 -8.96 -4.47 13.98
N VAL A 266 -9.08 -3.23 13.55
CA VAL A 266 -8.29 -2.69 12.42
C VAL A 266 -7.72 -1.32 12.75
N ILE A 267 -6.49 -1.13 12.29
CA ILE A 267 -5.84 0.18 12.26
C ILE A 267 -5.69 0.58 10.79
N ALA A 268 -6.36 1.69 10.42
CA ALA A 268 -6.15 2.41 9.17
C ALA A 268 -5.09 3.52 9.39
N VAL A 269 -4.08 3.58 8.54
CA VAL A 269 -2.98 4.54 8.69
C VAL A 269 -2.50 4.96 7.26
N GLY A 270 -2.34 6.26 7.06
CA GLY A 270 -1.83 6.81 5.81
C GLY A 270 -0.75 7.86 6.06
N GLY A 271 -0.44 8.64 5.04
CA GLY A 271 0.48 9.72 5.23
C GLY A 271 0.11 10.84 4.31
N LEU A 272 0.65 12.02 4.61
CA LEU A 272 0.30 13.23 3.84
C LEU A 272 1.42 13.62 2.91
N GLY A 273 2.48 12.83 2.87
CA GLY A 273 3.56 13.11 1.92
C GLY A 273 4.24 14.43 2.21
N VAL A 274 4.58 15.17 1.17
CA VAL A 274 5.13 16.52 1.37
C VAL A 274 4.24 17.50 0.56
N GLY A 275 3.91 18.64 1.16
CA GLY A 275 3.22 19.74 0.48
C GLY A 275 1.74 19.80 0.77
N ILE A 276 1.27 18.98 1.73
CA ILE A 276 -0.15 19.09 2.21
C ILE A 276 -0.25 19.74 3.56
N LYS A 277 0.48 19.22 4.51
CA LYS A 277 0.51 19.74 5.87
C LYS A 277 1.93 19.63 6.35
N GLU A 278 2.42 20.67 7.00
CA GLU A 278 3.80 20.75 7.48
C GLU A 278 4.11 19.84 8.72
N SER A 279 3.22 19.87 9.70
CA SER A 279 3.41 19.10 10.90
C SER A 279 2.08 18.90 11.57
N ASP A 280 2.03 17.94 12.50
CA ASP A 280 0.98 17.90 13.51
C ASP A 280 1.42 18.85 14.65
N PRO A 281 0.87 20.08 14.69
CA PRO A 281 1.28 21.03 15.72
C PRO A 281 0.92 20.61 17.19
N SER A 282 0.12 19.56 17.34
CA SER A 282 -0.34 19.11 18.64
C SER A 282 0.46 17.92 19.11
N SER A 283 1.46 17.55 18.33
CA SER A 283 2.23 16.35 18.60
C SER A 283 3.33 16.75 19.56
N GLY A 284 3.58 15.89 20.53
CA GLY A 284 4.74 16.00 21.42
C GLY A 284 5.94 15.19 20.97
N TYR A 285 5.79 14.39 19.92
CA TYR A 285 6.85 13.56 19.34
C TYR A 285 8.23 14.18 19.26
N HIS A 286 9.18 13.61 19.98
CA HIS A 286 10.53 14.15 20.10
C HIS A 286 11.62 13.08 19.95
N PRO A 287 11.78 12.50 18.75
CA PRO A 287 12.66 11.36 18.70
C PRO A 287 14.15 11.71 18.62
N ASP A 288 14.99 10.72 18.88
CA ASP A 288 16.41 10.84 18.51
C ASP A 288 16.59 10.26 17.12
N LEU A 289 16.75 11.13 16.14
CA LEU A 289 16.78 10.70 14.77
C LEU A 289 18.12 10.00 14.48
N PRO A 290 18.12 9.02 13.54
CA PRO A 290 19.29 8.23 13.23
C PRO A 290 20.42 9.10 12.71
N THR A 291 21.60 8.53 12.54
CA THR A 291 22.74 9.37 12.23
C THR A 291 23.70 8.68 11.26
N ALA A 292 23.42 7.45 10.90
CA ALA A 292 24.41 6.63 10.22
C ALA A 292 24.57 6.95 8.73
N PRO A 293 25.70 7.56 8.34
CA PRO A 293 25.87 7.88 6.91
C PRO A 293 25.92 6.59 6.10
N ASP A 294 25.44 6.68 4.88
CA ASP A 294 25.41 5.57 3.96
C ASP A 294 26.67 5.73 3.13
N THR A 295 27.35 4.64 2.92
CA THR A 295 28.67 4.66 2.30
C THR A 295 28.58 4.61 0.77
N LYS A 296 27.41 4.21 0.31
CA LYS A 296 27.10 4.02 -1.06
C LYS A 296 26.57 5.30 -1.72
N CYS A 297 25.77 6.04 -0.96
CA CYS A 297 25.00 7.14 -1.50
C CYS A 297 24.73 8.23 -0.45
N THR A 298 25.18 9.43 -0.75
CA THR A 298 24.83 10.56 0.08
C THR A 298 23.76 11.37 -0.62
N VAL A 299 22.54 11.30 -0.07
CA VAL A 299 21.36 11.90 -0.69
C VAL A 299 21.55 13.43 -0.71
N GLY A 300 21.13 14.06 -1.82
CA GLY A 300 21.23 15.51 -2.02
C GLY A 300 20.06 16.28 -1.44
N LEU A 301 18.85 15.77 -1.68
CA LEU A 301 17.61 16.27 -1.06
C LEU A 301 17.58 16.20 0.48
N HIS A 302 16.96 17.20 1.09
CA HIS A 302 16.55 17.09 2.47
C HIS A 302 15.88 15.73 2.66
N ASP A 303 16.43 14.93 3.58
CA ASP A 303 16.00 13.56 3.81
C ASP A 303 14.85 13.47 4.83
N ASN A 304 13.64 13.49 4.30
CA ASN A 304 12.40 13.38 5.06
C ASN A 304 12.15 12.07 5.75
N THR A 305 12.77 10.97 5.26
CA THR A 305 12.56 9.62 5.84
C THR A 305 13.33 9.46 7.15
N ASN A 306 14.57 9.96 7.16
CA ASN A 306 15.52 9.69 8.23
C ASN A 306 15.93 10.90 9.05
N ALA A 307 15.72 12.09 8.50
CA ALA A 307 16.20 13.26 9.18
C ALA A 307 15.18 14.45 9.34
N ASP A 308 13.89 14.11 9.43
CA ASP A 308 12.84 15.10 9.53
C ASP A 308 11.65 14.71 10.46
N ARG A 309 11.71 15.21 11.70
CA ARG A 309 10.71 14.97 12.74
C ARG A 309 9.29 15.45 12.33
N ASP A 310 9.18 16.63 11.74
CA ASP A 310 7.86 17.16 11.29
C ASP A 310 7.16 16.22 10.29
N TYR A 311 7.91 15.68 9.32
CA TYR A 311 7.41 14.76 8.29
C TYR A 311 6.82 13.51 8.92
N ASP A 312 7.52 12.89 9.89
CA ASP A 312 6.96 11.78 10.71
C ASP A 312 5.57 12.06 11.24
N THR A 313 5.40 13.23 11.84
CA THR A 313 4.11 13.65 12.44
C THR A 313 2.96 13.79 11.45
N VAL A 314 3.24 14.08 10.19
CA VAL A 314 2.15 14.10 9.19
C VAL A 314 2.14 12.84 8.32
N ASN A 315 3.06 11.91 8.62
CA ASN A 315 3.19 10.66 7.89
C ASN A 315 3.31 9.51 8.88
N PRO A 316 2.22 9.29 9.67
CA PRO A 316 2.23 8.21 10.66
C PRO A 316 2.47 6.80 10.07
N GLU A 317 2.23 6.64 8.77
CA GLU A 317 2.50 5.34 8.12
C GLU A 317 3.94 4.84 8.25
N GLU A 318 4.93 5.74 8.28
CA GLU A 318 6.30 5.28 8.43
C GLU A 318 6.49 4.58 9.77
N ASN A 319 6.16 5.28 10.86
CA ASN A 319 6.27 4.68 12.21
C ASN A 319 5.31 3.53 12.44
N ALA A 320 4.17 3.52 11.74
CA ALA A 320 3.25 2.41 11.95
C ALA A 320 3.87 1.09 11.45
N LEU A 321 4.63 1.17 10.35
CA LEU A 321 5.34 0.01 9.77
C LEU A 321 6.54 -0.46 10.62
N ARG A 322 7.26 0.51 11.18
CA ARG A 322 8.39 0.26 12.02
C ARG A 322 7.97 -0.40 13.33
N SER A 323 6.90 0.12 13.95
CA SER A 323 6.34 -0.47 15.17
C SER A 323 5.58 -1.80 14.96
N LEU A 324 5.08 -2.05 13.74
CA LEU A 324 4.53 -3.38 13.36
C LEU A 324 5.66 -4.37 13.33
N ILE A 325 6.80 -3.98 12.77
CA ILE A 325 7.95 -4.88 12.70
C ILE A 325 8.50 -5.07 14.09
N ALA A 326 8.63 -3.96 14.82
CA ALA A 326 9.18 -4.02 16.19
C ALA A 326 8.32 -4.86 17.16
N SER A 327 7.02 -4.93 16.92
CA SER A 327 6.13 -5.78 17.71
C SER A 327 6.28 -7.32 17.49
N ALA A 328 7.11 -7.75 16.54
CA ALA A 328 7.31 -9.17 16.20
C ALA A 328 8.09 -9.86 17.32
N ARG A 329 7.50 -10.89 17.92
CA ARG A 329 8.15 -11.57 19.06
C ARG A 329 8.62 -12.95 18.70
N SER A 330 8.12 -13.46 17.59
CA SER A 330 8.54 -14.75 17.09
C SER A 330 9.16 -14.70 15.67
N HIS A 331 8.41 -14.08 14.73
CA HIS A 331 8.82 -14.02 13.32
C HIS A 331 8.08 -12.90 12.56
N VAL A 332 8.73 -12.39 11.49
CA VAL A 332 8.15 -11.36 10.59
C VAL A 332 8.41 -11.80 9.16
N GLU A 333 7.38 -11.73 8.31
CA GLU A 333 7.56 -11.89 6.86
C GLU A 333 7.39 -10.51 6.24
N ILE A 334 8.42 -10.10 5.48
CA ILE A 334 8.39 -8.94 4.61
C ILE A 334 8.32 -9.34 3.09
N SER A 335 7.24 -8.94 2.42
CA SER A 335 7.06 -9.16 1.00
C SER A 335 6.79 -7.80 0.36
N GLN A 336 7.75 -7.38 -0.46
CA GLN A 336 7.87 -6.01 -0.95
C GLN A 336 8.40 -5.99 -2.39
N GLN A 337 8.08 -4.96 -3.17
CA GLN A 337 8.86 -4.75 -4.35
C GLN A 337 10.34 -4.54 -3.99
N ASP A 338 10.58 -3.66 -3.01
CA ASP A 338 11.90 -3.12 -2.66
C ASP A 338 11.89 -2.77 -1.17
N LEU A 339 13.07 -2.84 -0.58
CA LEU A 339 13.42 -2.19 0.69
C LEU A 339 14.31 -0.96 0.54
N ASN A 340 15.01 -0.87 -0.59
CA ASN A 340 15.93 0.24 -0.89
C ASN A 340 15.34 1.11 -2.03
N ALA A 341 15.54 2.43 -1.94
CA ALA A 341 15.02 3.39 -2.92
C ALA A 341 16.07 3.76 -3.95
N THR A 342 15.71 4.62 -4.89
CA THR A 342 16.70 5.00 -5.91
C THR A 342 17.38 6.26 -5.44
N CYS A 343 18.64 6.10 -5.03
CA CYS A 343 19.47 7.14 -4.44
C CYS A 343 20.60 7.53 -5.41
N PRO A 344 20.68 8.81 -5.81
CA PRO A 344 19.67 9.83 -5.54
C PRO A 344 18.42 9.58 -6.44
N PRO A 345 17.33 10.35 -6.26
CA PRO A 345 17.16 11.52 -5.42
C PRO A 345 16.72 11.20 -4.00
N LEU A 346 16.36 9.93 -3.73
CA LEU A 346 15.91 9.49 -2.40
C LEU A 346 17.00 8.81 -1.60
N PRO A 347 16.91 8.87 -0.25
CA PRO A 347 17.80 8.06 0.58
C PRO A 347 17.66 6.57 0.21
N ARG A 348 18.77 5.83 0.22
CA ARG A 348 18.75 4.48 -0.30
C ARG A 348 17.86 3.56 0.57
N TYR A 349 17.73 3.87 1.84
CA TYR A 349 16.96 3.00 2.73
C TYR A 349 16.55 3.79 3.96
N ASP A 350 15.66 3.18 4.73
CA ASP A 350 15.11 3.72 5.96
C ASP A 350 15.99 3.19 7.12
N ILE A 351 16.83 4.03 7.72
CA ILE A 351 17.82 3.58 8.68
C ILE A 351 17.14 2.85 9.83
N ARG A 352 16.10 3.47 10.43
CA ARG A 352 15.30 2.91 11.51
C ARG A 352 14.60 1.57 11.21
N THR A 353 14.08 1.41 9.98
CA THR A 353 13.49 0.14 9.59
C THR A 353 14.54 -0.94 9.58
N TYR A 354 15.71 -0.59 9.05
CA TYR A 354 16.87 -1.49 9.03
C TYR A 354 17.47 -1.78 10.39
N ASP A 355 17.49 -0.76 11.27
CA ASP A 355 17.81 -0.92 12.68
C ASP A 355 16.82 -1.87 13.30
N THR A 356 15.53 -1.65 13.00
CA THR A 356 14.47 -2.48 13.57
C THR A 356 14.67 -3.98 13.21
N LEU A 357 15.10 -4.27 11.99
CA LEU A 357 15.28 -5.67 11.48
C LEU A 357 16.53 -6.31 12.03
N ALA A 358 17.58 -5.52 12.16
CA ALA A 358 18.84 -5.96 12.76
C ALA A 358 18.59 -6.30 14.26
N GLY A 359 17.77 -5.51 14.97
CA GLY A 359 17.43 -5.80 16.36
C GLY A 359 16.76 -7.16 16.41
N LYS A 360 15.88 -7.43 15.45
CA LYS A 360 15.13 -8.70 15.43
C LYS A 360 16.04 -9.93 15.20
N LEU A 361 16.93 -9.78 14.23
CA LEU A 361 17.90 -10.78 13.88
C LEU A 361 18.81 -11.07 15.07
N ALA A 362 19.35 -10.00 15.71
CA ALA A 362 20.14 -10.14 16.94
C ALA A 362 19.33 -10.86 18.04
N ALA A 363 18.04 -10.52 18.18
CA ALA A 363 17.25 -11.09 19.26
C ALA A 363 16.74 -12.52 18.98
N GLY A 364 17.13 -13.10 17.84
CA GLY A 364 16.71 -14.45 17.48
C GLY A 364 15.30 -14.61 16.88
N VAL A 365 14.67 -13.48 16.56
CA VAL A 365 13.38 -13.42 15.84
C VAL A 365 13.69 -13.69 14.36
N LYS A 366 12.86 -14.53 13.74
CA LYS A 366 13.10 -14.99 12.39
C LYS A 366 12.62 -13.89 11.43
N VAL A 367 13.49 -13.43 10.52
CA VAL A 367 13.17 -12.36 9.56
C VAL A 367 13.16 -12.93 8.16
N ARG A 368 12.03 -12.81 7.47
CA ARG A 368 11.95 -13.24 6.08
C ARG A 368 11.67 -12.01 5.23
N ILE A 369 12.51 -11.78 4.21
CA ILE A 369 12.38 -10.69 3.28
C ILE A 369 12.38 -11.27 1.88
N VAL A 370 11.25 -11.11 1.18
CA VAL A 370 11.18 -11.46 -0.25
C VAL A 370 10.93 -10.17 -1.06
N VAL A 371 11.76 -9.93 -2.05
CA VAL A 371 11.66 -8.75 -2.86
C VAL A 371 11.55 -9.17 -4.36
N SER A 372 11.14 -8.21 -5.18
CA SER A 372 11.08 -8.36 -6.59
C SER A 372 12.49 -8.62 -7.11
N ASP A 373 12.61 -9.50 -8.11
CA ASP A 373 13.90 -9.89 -8.68
C ASP A 373 14.61 -8.63 -9.17
N PRO A 374 15.90 -8.41 -8.80
CA PRO A 374 16.77 -7.34 -9.36
C PRO A 374 16.75 -7.22 -10.93
N ALA A 375 16.46 -8.34 -11.60
CA ALA A 375 16.34 -8.45 -13.06
C ALA A 375 15.28 -7.50 -13.64
N ASN A 376 14.39 -7.03 -12.78
CA ASN A 376 13.28 -6.11 -13.12
C ASN A 376 13.73 -4.66 -13.22
N ARG A 377 14.94 -4.36 -12.77
CA ARG A 377 15.42 -2.98 -12.65
C ARG A 377 15.60 -2.31 -13.99
N GLY A 378 15.15 -1.05 -14.08
CA GLY A 378 15.52 -0.10 -15.15
C GLY A 378 16.91 0.51 -14.91
N ALA A 379 17.21 1.77 -15.28
CA ALA A 379 16.37 2.80 -15.92
C ALA A 379 15.93 3.83 -14.87
N VAL A 380 16.94 4.53 -14.33
CA VAL A 380 16.83 5.41 -13.14
C VAL A 380 15.65 6.39 -13.30
N GLY A 381 14.48 5.93 -12.83
CA GLY A 381 13.18 6.52 -13.18
C GLY A 381 12.60 5.84 -14.44
N SER A 382 11.86 4.73 -14.24
CA SER A 382 11.06 4.10 -15.35
C SER A 382 9.57 3.86 -15.02
N GLY A 383 9.24 3.54 -13.76
CA GLY A 383 10.19 2.94 -12.82
C GLY A 383 9.87 1.45 -12.87
N GLY A 384 10.86 0.62 -13.26
CA GLY A 384 10.68 -0.85 -13.31
C GLY A 384 10.56 -1.42 -11.91
N TYR A 385 10.34 -2.72 -11.80
CA TYR A 385 9.93 -3.29 -10.55
C TYR A 385 11.05 -3.86 -9.70
N SER A 386 12.21 -3.22 -9.76
CA SER A 386 13.27 -3.38 -8.77
C SER A 386 14.13 -2.12 -8.72
N GLN A 387 14.70 -1.80 -7.55
CA GLN A 387 15.62 -0.64 -7.37
C GLN A 387 17.01 -1.05 -6.84
N ILE A 388 17.31 -2.34 -6.98
CA ILE A 388 18.63 -2.92 -6.65
C ILE A 388 19.23 -3.78 -7.80
N LYS A 389 20.53 -3.94 -7.76
CA LYS A 389 21.21 -4.80 -8.68
C LYS A 389 21.46 -6.22 -8.12
N SER A 390 21.45 -6.35 -6.80
CA SER A 390 21.53 -7.68 -6.17
C SER A 390 21.04 -7.64 -4.75
N LEU A 391 20.66 -8.81 -4.24
CA LEU A 391 20.05 -8.92 -2.89
C LEU A 391 21.06 -8.61 -1.81
N ASP A 392 22.35 -8.59 -2.18
CA ASP A 392 23.43 -8.21 -1.25
C ASP A 392 23.26 -6.77 -0.75
N GLU A 393 22.71 -5.91 -1.59
CA GLU A 393 22.33 -4.57 -1.15
C GLU A 393 21.42 -4.55 0.10
N ILE A 394 20.67 -5.63 0.35
CA ILE A 394 19.83 -5.67 1.54
C ILE A 394 20.60 -6.29 2.72
N SER A 395 21.21 -7.44 2.49
CA SER A 395 21.94 -8.12 3.55
C SER A 395 23.19 -7.39 3.98
N ASP A 396 23.95 -6.82 3.05
CA ASP A 396 25.10 -6.00 3.45
C ASP A 396 24.70 -4.83 4.36
N THR A 397 23.54 -4.26 4.10
CA THR A 397 23.05 -3.16 4.89
C THR A 397 22.58 -3.63 6.25
N LEU A 398 21.85 -4.74 6.28
CA LEU A 398 21.60 -5.45 7.55
C LEU A 398 22.90 -5.66 8.33
N ARG A 399 23.92 -6.19 7.68
CA ARG A 399 25.25 -6.38 8.34
C ARG A 399 25.80 -5.10 8.96
N THR A 400 25.81 -4.03 8.14
CA THR A 400 26.27 -2.70 8.57
C THR A 400 25.49 -2.21 9.83
N ARG A 401 24.18 -2.41 9.83
CA ARG A 401 23.33 -2.07 10.96
C ARG A 401 23.49 -3.05 12.15
N LEU A 402 23.76 -4.34 11.87
CA LEU A 402 24.13 -5.27 12.96
C LEU A 402 25.47 -4.94 13.61
N VAL A 403 26.42 -4.38 12.84
CA VAL A 403 27.72 -4.00 13.40
C VAL A 403 27.60 -2.74 14.26
N ALA A 404 26.90 -1.73 13.77
CA ALA A 404 26.63 -0.56 14.60
C ALA A 404 26.13 -1.00 15.98
N LEU A 405 25.21 -1.96 15.96
CA LEU A 405 24.43 -2.34 17.14
C LEU A 405 25.22 -3.13 18.20
N THR A 406 26.02 -4.10 17.75
CA THR A 406 26.62 -5.08 18.68
C THR A 406 28.09 -4.83 18.95
N GLY A 407 28.78 -4.24 17.97
CA GLY A 407 30.20 -3.97 18.09
C GLY A 407 31.09 -4.94 17.34
N ASP A 408 30.60 -6.16 17.08
CA ASP A 408 31.47 -7.16 16.39
C ASP A 408 30.89 -7.92 15.18
N ASN A 409 31.74 -8.09 14.16
CA ASN A 409 31.28 -8.66 12.92
C ASN A 409 30.86 -10.13 13.02
N GLU A 410 31.33 -10.80 14.07
CA GLU A 410 31.11 -12.23 14.22
C GLU A 410 29.76 -12.53 14.84
N LYS A 411 29.35 -11.69 15.78
CA LYS A 411 27.99 -11.65 16.28
C LYS A 411 26.99 -11.28 15.13
N ALA A 412 27.30 -10.22 14.37
CA ALA A 412 26.60 -9.89 13.13
C ALA A 412 26.23 -11.11 12.25
N SER A 413 27.23 -11.96 11.97
CA SER A 413 27.07 -13.13 11.09
C SER A 413 26.18 -14.17 11.71
N ARG A 414 26.32 -14.38 13.02
CA ARG A 414 25.45 -15.35 13.69
C ARG A 414 23.95 -14.97 13.60
N ALA A 415 23.66 -13.69 13.75
CA ALA A 415 22.30 -13.16 13.62
C ALA A 415 21.84 -13.07 12.15
N LEU A 416 22.62 -12.45 11.27
CA LEU A 416 22.31 -12.47 9.81
C LEU A 416 22.16 -13.87 9.24
N CYS A 417 23.21 -14.71 9.37
CA CYS A 417 23.23 -16.08 8.84
C CYS A 417 22.25 -17.00 9.48
N GLY A 418 22.17 -17.00 10.80
CA GLY A 418 21.16 -17.80 11.50
C GLY A 418 19.66 -17.48 11.31
N ASN A 419 19.29 -16.20 11.20
CA ASN A 419 17.90 -15.78 11.34
C ASN A 419 17.24 -15.07 10.14
N LEU A 420 17.99 -14.84 9.04
CA LEU A 420 17.46 -14.14 7.91
C LEU A 420 17.22 -15.07 6.76
N GLN A 421 16.06 -14.91 6.13
CA GLN A 421 15.75 -15.55 4.88
C GLN A 421 15.51 -14.40 3.88
N LEU A 422 16.35 -14.36 2.84
CA LEU A 422 16.29 -13.32 1.85
C LEU A 422 16.26 -13.98 0.48
N ALA A 423 15.34 -13.54 -0.37
CA ALA A 423 15.07 -14.15 -1.66
C ALA A 423 14.43 -13.15 -2.65
N SER A 424 14.60 -13.39 -3.95
CA SER A 424 13.72 -12.78 -4.95
C SER A 424 12.40 -13.59 -5.06
N PHE A 425 11.31 -12.91 -5.45
CA PHE A 425 10.00 -13.56 -5.65
C PHE A 425 9.95 -14.48 -6.87
N ARG A 426 9.42 -15.69 -6.64
CA ARG A 426 8.93 -16.65 -7.64
C ARG A 426 7.58 -17.18 -7.18
N SER A 427 6.76 -17.57 -8.16
CA SER A 427 5.46 -18.17 -7.92
C SER A 427 5.29 -19.58 -8.44
N SER A 428 6.34 -20.14 -9.05
CA SER A 428 6.37 -21.55 -9.55
C SER A 428 7.79 -22.05 -9.44
N ASP A 429 8.06 -23.27 -9.91
CA ASP A 429 9.41 -23.88 -9.82
C ASP A 429 10.38 -23.24 -10.81
N ALA A 430 9.85 -22.62 -11.86
CA ALA A 430 10.66 -21.95 -12.87
C ALA A 430 11.29 -20.61 -12.39
N ALA A 431 12.51 -20.33 -12.85
CA ALA A 431 13.25 -19.10 -12.48
C ALA A 431 12.61 -17.80 -12.94
N LYS A 432 11.91 -17.85 -14.08
CA LYS A 432 11.15 -16.69 -14.62
C LYS A 432 9.85 -17.17 -15.20
N TRP A 433 8.95 -16.24 -15.56
CA TRP A 433 7.71 -16.64 -16.25
C TRP A 433 8.02 -17.44 -17.55
N ALA A 434 7.08 -18.30 -17.97
CA ALA A 434 7.27 -19.11 -19.21
C ALA A 434 7.61 -18.32 -20.51
N ASP A 435 7.14 -17.08 -20.62
CA ASP A 435 7.44 -16.19 -21.76
C ASP A 435 8.84 -15.51 -21.71
N GLY A 436 9.65 -15.82 -20.70
CA GLY A 436 11.01 -15.27 -20.58
C GLY A 436 11.26 -14.11 -19.60
N LYS A 437 10.20 -13.39 -19.24
CA LYS A 437 10.31 -12.19 -18.41
C LYS A 437 10.40 -12.59 -16.95
N PRO A 438 11.10 -11.79 -16.14
CA PRO A 438 11.19 -12.12 -14.68
C PRO A 438 9.88 -11.78 -13.96
N TYR A 439 9.65 -12.45 -12.82
CA TYR A 439 8.45 -12.13 -12.02
C TYR A 439 8.63 -10.75 -11.33
N ALA A 440 7.68 -9.87 -11.58
CA ALA A 440 7.70 -8.59 -10.92
C ALA A 440 6.81 -8.66 -9.67
N LEU A 441 7.35 -8.22 -8.52
CA LEU A 441 6.61 -8.24 -7.27
C LEU A 441 6.33 -6.81 -6.85
N HIS A 442 5.09 -6.56 -6.42
CA HIS A 442 4.69 -5.20 -6.10
C HIS A 442 3.89 -5.15 -4.76
N HIS A 443 3.76 -6.29 -4.03
CA HIS A 443 3.23 -6.29 -2.63
C HIS A 443 3.82 -5.14 -1.83
N LYS A 444 3.01 -4.65 -0.88
CA LYS A 444 3.48 -3.90 0.28
C LYS A 444 2.93 -4.63 1.48
N LEU A 445 3.53 -5.78 1.81
CA LEU A 445 3.01 -6.64 2.88
C LEU A 445 3.99 -6.83 4.09
N VAL A 446 3.46 -6.77 5.33
CA VAL A 446 4.22 -7.17 6.54
C VAL A 446 3.30 -8.04 7.37
N SER A 447 3.82 -9.19 7.82
CA SER A 447 3.11 -10.08 8.77
C SER A 447 4.03 -10.42 9.92
N VAL A 448 3.45 -10.46 11.08
CA VAL A 448 4.15 -10.54 12.31
C VAL A 448 3.46 -11.67 13.14
N ASP A 449 4.24 -12.68 13.52
CA ASP A 449 3.72 -13.70 14.50
C ASP A 449 2.46 -14.47 14.05
N ASP A 450 2.20 -14.55 12.75
CA ASP A 450 0.93 -15.09 12.23
C ASP A 450 -0.25 -14.54 13.04
N SER A 451 -0.22 -13.23 13.31
CA SER A 451 -1.21 -12.57 14.21
C SER A 451 -1.70 -11.22 13.63
N ALA A 452 -0.76 -10.44 13.11
CA ALA A 452 -1.02 -9.09 12.68
C ALA A 452 -0.26 -8.79 11.36
N PHE A 453 -0.94 -8.16 10.44
CA PHE A 453 -0.36 -7.90 9.14
C PHE A 453 -0.79 -6.50 8.63
N TYR A 454 0.03 -5.88 7.78
CA TYR A 454 -0.31 -4.68 6.95
C TYR A 454 -0.53 -5.11 5.52
N ILE A 455 -1.68 -4.74 4.92
CA ILE A 455 -1.79 -4.73 3.47
C ILE A 455 -2.21 -3.33 3.11
N GLY A 456 -1.42 -2.68 2.24
CA GLY A 456 -1.76 -1.35 1.82
C GLY A 456 -0.85 -0.94 0.68
N SER A 457 -0.65 0.37 0.55
CA SER A 457 0.10 0.94 -0.56
C SER A 457 1.52 1.37 -0.14
N LYS A 458 1.75 1.56 1.14
CA LYS A 458 3.03 2.07 1.59
C LYS A 458 4.20 1.06 1.56
N ASN A 459 5.15 1.34 0.67
CA ASN A 459 6.37 0.58 0.53
C ASN A 459 7.31 0.81 1.74
N LEU A 460 8.14 -0.20 2.01
CA LEU A 460 9.17 -0.12 3.07
C LEU A 460 10.42 0.69 2.65
N TYR A 461 10.61 0.81 1.34
CA TYR A 461 11.66 1.68 0.82
C TYR A 461 11.25 3.15 0.92
N PRO A 462 12.26 4.06 1.05
CA PRO A 462 11.99 5.49 1.12
C PRO A 462 11.16 6.06 -0.04
N ALA A 463 10.03 6.68 0.32
CA ALA A 463 9.15 7.41 -0.58
C ALA A 463 8.31 8.41 0.21
N TRP A 464 8.07 9.58 -0.38
CA TRP A 464 7.44 10.70 0.36
C TRP A 464 6.05 11.03 -0.20
N LEU A 465 5.23 9.99 -0.30
CA LEU A 465 3.98 10.04 -1.05
C LEU A 465 2.80 9.99 -0.12
N GLN A 466 1.60 10.26 -0.66
CA GLN A 466 0.35 9.95 0.05
C GLN A 466 -0.02 8.48 -0.10
N ASP A 467 0.08 7.76 1.00
CA ASP A 467 -0.12 6.33 0.97
C ASP A 467 -1.19 5.96 1.99
N PHE A 468 -1.63 4.71 1.97
CA PHE A 468 -2.64 4.30 2.90
C PHE A 468 -2.63 2.80 2.91
N GLY A 469 -3.01 2.21 4.04
CA GLY A 469 -3.22 0.77 4.11
C GLY A 469 -3.84 0.44 5.43
N TYR A 470 -4.12 -0.85 5.62
CA TYR A 470 -4.74 -1.35 6.85
C TYR A 470 -3.83 -2.35 7.60
N ILE A 471 -3.91 -2.28 8.94
CA ILE A 471 -3.32 -3.27 9.82
C ILE A 471 -4.43 -4.05 10.56
N VAL A 472 -4.41 -5.37 10.35
CA VAL A 472 -5.37 -6.31 10.98
C VAL A 472 -4.69 -7.12 12.06
N GLU A 473 -5.29 -7.16 13.25
CA GLU A 473 -4.89 -8.19 14.21
C GLU A 473 -5.97 -9.27 14.36
N SER A 474 -5.64 -10.47 13.91
CA SER A 474 -6.52 -11.62 13.92
C SER A 474 -5.70 -12.86 13.58
N PRO A 475 -5.54 -13.80 14.53
CA PRO A 475 -4.93 -15.11 14.24
C PRO A 475 -5.59 -15.88 13.08
N ALA A 476 -6.90 -15.94 13.04
CA ALA A 476 -7.61 -16.59 11.96
C ALA A 476 -7.27 -16.02 10.57
N ALA A 477 -7.40 -14.69 10.42
CA ALA A 477 -7.00 -13.95 9.19
C ALA A 477 -5.52 -14.10 8.81
N ALA A 478 -4.65 -14.12 9.81
CA ALA A 478 -3.22 -14.25 9.49
C ALA A 478 -2.85 -15.71 9.13
N GLN A 479 -3.62 -16.69 9.62
CA GLN A 479 -3.53 -18.09 9.19
C GLN A 479 -3.88 -18.26 7.70
N GLN A 480 -4.92 -17.53 7.26
CA GLN A 480 -5.36 -17.53 5.86
C GLN A 480 -4.31 -16.86 4.97
N LEU A 481 -3.69 -15.80 5.48
CA LEU A 481 -2.60 -15.10 4.80
C LEU A 481 -1.39 -15.99 4.62
N LYS A 482 -0.94 -16.60 5.72
CA LYS A 482 0.11 -17.63 5.70
C LYS A 482 -0.11 -18.74 4.62
N THR A 483 -1.32 -19.28 4.56
CA THR A 483 -1.63 -20.46 3.79
C THR A 483 -1.78 -20.09 2.31
N GLU A 484 -2.50 -18.98 2.10
CA GLU A 484 -2.85 -18.55 0.75
C GLU A 484 -1.74 -17.78 0.04
N LEU A 485 -0.86 -17.12 0.82
CA LEU A 485 0.18 -16.25 0.23
C LEU A 485 1.61 -16.43 0.71
N LEU A 486 1.81 -16.31 2.01
CA LEU A 486 3.19 -16.37 2.51
C LEU A 486 3.85 -17.75 2.42
N ASP A 487 3.18 -18.82 2.86
CA ASP A 487 3.77 -20.16 2.63
C ASP A 487 4.06 -20.36 1.17
N PRO A 488 3.06 -20.17 0.28
CA PRO A 488 3.36 -20.41 -1.15
C PRO A 488 4.51 -19.58 -1.72
N GLU A 489 4.58 -18.31 -1.31
CA GLU A 489 5.70 -17.47 -1.73
C GLU A 489 7.04 -18.02 -1.25
N TRP A 490 7.08 -18.53 -0.02
CA TRP A 490 8.36 -19.11 0.46
C TRP A 490 8.65 -20.46 -0.23
N LYS A 491 7.62 -21.29 -0.40
CA LYS A 491 7.72 -22.51 -1.21
C LYS A 491 8.52 -22.31 -2.48
N TYR A 492 8.20 -21.29 -3.26
CA TYR A 492 8.80 -21.18 -4.58
C TYR A 492 10.01 -20.23 -4.58
N SER A 493 9.96 -19.22 -3.71
CA SER A 493 11.06 -18.22 -3.67
C SER A 493 12.32 -18.72 -2.92
N GLN A 494 12.21 -19.70 -2.02
CA GLN A 494 13.41 -20.28 -1.39
C GLN A 494 14.48 -20.78 -2.38
N GLN A 495 14.07 -21.10 -3.62
CA GLN A 495 14.95 -21.47 -4.74
C GLN A 495 15.89 -20.34 -5.14
N ALA A 496 15.50 -19.13 -4.76
CA ALA A 496 16.25 -17.94 -5.16
C ALA A 496 16.67 -17.18 -3.91
N ALA A 497 16.95 -17.92 -2.83
CA ALA A 497 17.50 -17.34 -1.59
C ALA A 497 18.97 -16.85 -1.73
N ALA A 498 19.26 -15.67 -1.16
CA ALA A 498 20.66 -15.23 -1.00
C ALA A 498 21.34 -15.77 0.27
N THR A 499 22.50 -16.42 0.14
CA THR A 499 23.47 -16.48 1.25
C THR A 499 24.27 -15.15 1.29
N PRO A 500 24.06 -14.35 2.34
CA PRO A 500 24.86 -13.16 2.45
C PRO A 500 26.37 -13.45 2.45
N ALA A 501 27.16 -12.46 2.01
CA ALA A 501 28.61 -12.40 2.22
C ALA A 501 28.84 -12.63 3.70
N GLY A 502 29.87 -13.41 4.01
CA GLY A 502 30.19 -13.77 5.41
C GLY A 502 29.39 -14.94 6.02
N CYS A 503 28.56 -15.61 5.23
CA CYS A 503 27.80 -16.79 5.68
C CYS A 503 28.24 -18.03 4.91
N PRO A 504 28.25 -19.23 5.58
CA PRO A 504 28.58 -20.57 5.04
C PRO A 504 27.96 -20.88 3.66
#